data_1Y0Q
#
_entry.id   1Y0Q
#
_cell.length_a   94.570
_cell.length_b   140.970
_cell.length_c   210.850
_cell.angle_alpha   90.00
_cell.angle_beta   90.00
_cell.angle_gamma   90.00
#
_symmetry.space_group_name_H-M   'I 21 21 21'
#
loop_
_entity.id
_entity.type
_entity.pdbx_description
1 polymer 'Group I ribozyme'
2 polymer "5'-R(*GP*CP*UP*U)-3'"
3 non-polymer 'SPERMINE (FULLY PROTONATED FORM)'
4 non-polymer 'MAGNESIUM ION'
5 non-polymer 'SULFATE ION'
#
loop_
_entity_poly.entity_id
_entity_poly.type
_entity_poly.pdbx_seq_one_letter_code
_entity_poly.pdbx_strand_id
1 'polyribonucleotide'
;GAGCCUUUAUACAGUAAUGUAUAUCGAAAAAUCCUCUAAUUCAGGGAACACCUAAGGCAAUCCUGAGCUAAGCUCUUAGU
AAUAAGAGAAAGUGCAACGACUAUUCCGAUAGGAAGUAGGGUCAAGUGACUCGAAAUGGGGAUUACCCUUCUAGGGUAGU
GAUAUAGUCUGAACAUAUAUGGAAACAUAUAGAAGGAUAGGAGUAACGAACCUAUCCGUAACAUAAUUG
;
A
2 'polyribonucleotide' GCUU B
#
loop_
_chem_comp.id
_chem_comp.type
_chem_comp.name
_chem_comp.formula
A RNA linking ADENOSINE-5'-MONOPHOSPHATE 'C10 H14 N5 O7 P'
C RNA linking CYTIDINE-5'-MONOPHOSPHATE 'C9 H14 N3 O8 P'
G RNA linking GUANOSINE-5'-MONOPHOSPHATE 'C10 H14 N5 O8 P'
MG non-polymer 'MAGNESIUM ION' 'Mg 2'
SO4 non-polymer 'SULFATE ION' 'O4 S -2'
SPK non-polymer 'SPERMINE (FULLY PROTONATED FORM)' 'C10 H30 N4 4'
U RNA linking URIDINE-5'-MONOPHOSPHATE 'C9 H13 N2 O9 P'
#
# COMPACT_ATOMS: atom_id res chain seq x y z
N1 SPK C . 0.92 1.26 -3.37
C2 SPK C . 2.20 1.93 -3.89
C3 SPK C . 2.59 3.18 -3.17
C4 SPK C . 4.06 3.54 -3.18
N5 SPK C . 4.59 4.24 -1.96
C6 SPK C . 6.05 4.52 -2.09
C7 SPK C . 6.41 5.78 -1.33
C8 SPK C . 7.88 6.24 -1.33
C9 SPK C . 7.97 7.40 -0.33
N10 SPK C . 9.33 8.02 -0.17
C11 SPK C . 9.25 9.15 0.81
C12 SPK C . 10.55 9.89 1.06
C13 SPK C . 10.40 11.05 2.03
N14 SPK C . 9.57 12.24 1.51
MG MG D . -24.33 -14.24 11.18
MG MG E . -20.41 -13.45 2.04
MG MG F . -15.88 -22.01 14.93
MG MG G . -16.50 -23.53 5.36
S SO4 H . -2.93 -3.04 -3.62
O1 SO4 H . -4.12 -3.09 -2.72
O2 SO4 H . -1.75 -3.59 -2.91
O3 SO4 H . -3.20 -3.86 -4.83
O4 SO4 H . -2.66 -1.64 -4.02
#